data_6J4P
#
_entry.id   6J4P
#
_cell.length_a   63.724
_cell.length_b   63.724
_cell.length_c   151.256
_cell.angle_alpha   90.00
_cell.angle_beta   90.00
_cell.angle_gamma   120.00
#
_symmetry.space_group_name_H-M   'P 32 2 1'
#
loop_
_entity.id
_entity.type
_entity.pdbx_description
1 polymer 'Tubulinyl-Tyr carboxypeptidase 2'
2 polymer 'Small vasohibin-binding protein'
3 non-polymer N-[(3R)-4-ethoxy-3-hydroxy-4-oxobutanoyl]-L-tyrosine
4 water water
#
loop_
_entity_poly.entity_id
_entity_poly.type
_entity_poly.pdbx_seq_one_letter_code
_entity_poly.pdbx_strand_id
1 'polypeptide(L)'
;GVLFHVNKSGFPIDSHTWERMWMHVAKVHPKGGEMVGAIRNAAFLAKPSIPQVPNYRLSMTIPDWLQAIQNYMKTLQYNH
TGTQFFEIRKMRPLSGLMETAKEMTRESLPIKCLEAVILGIYLTNGQPSIERFPISFKTYFSGNYFHHVVLGIYCNGRYG
SLGMSRRAELMDKPLTFRTLSDLIFDFEDSYKKYLHTVKKVKIGLYVPHEPHSFQPIEWKQLVLNVSKMLRADIRKELEK
YARDMRMKILK
;
A
2 'polypeptide(L)' MDPPARKEKTKVKESVSRVEKAKQKSAQQELKQRQRAEIYALNRVMTELEQQQFDEFCKQMQPPGE B
#
loop_
_chem_comp.id
_chem_comp.type
_chem_comp.name
_chem_comp.formula
BJL non-polymer N-[(3R)-4-ethoxy-3-hydroxy-4-oxobutanoyl]-L-tyrosine 'C15 H19 N O7'
#
# COMPACT_ATOMS: atom_id res chain seq x y z
N LEU A 3 5.39 -16.79 1.94
CA LEU A 3 4.59 -16.17 2.99
C LEU A 3 5.28 -14.94 3.56
N PHE A 4 4.49 -14.13 4.29
CA PHE A 4 5.02 -13.00 5.02
C PHE A 4 4.37 -12.97 6.40
N HIS A 5 5.05 -12.29 7.31
CA HIS A 5 4.62 -12.13 8.68
C HIS A 5 3.95 -10.78 8.85
N VAL A 6 3.10 -10.69 9.87
CA VAL A 6 2.44 -9.45 10.22
C VAL A 6 2.81 -9.11 11.66
N ASN A 7 3.16 -7.85 11.88
CA ASN A 7 3.41 -7.38 13.25
C ASN A 7 2.09 -7.30 13.99
N LYS A 8 1.82 -8.31 14.82
CA LYS A 8 0.64 -8.31 15.67
C LYS A 8 0.97 -7.88 17.09
N SER A 9 2.11 -7.21 17.28
CA SER A 9 2.50 -6.69 18.58
C SER A 9 2.33 -5.18 18.68
N GLY A 10 1.98 -4.51 17.60
CA GLY A 10 1.93 -3.07 17.61
C GLY A 10 3.30 -2.45 17.84
N PHE A 11 3.28 -1.28 18.49
CA PHE A 11 4.50 -0.53 18.74
C PHE A 11 4.58 -0.17 20.22
N PRO A 12 5.77 -0.25 20.81
CA PRO A 12 7.04 -0.67 20.22
C PRO A 12 7.00 -2.12 19.78
N ILE A 13 7.68 -2.46 18.68
CA ILE A 13 7.69 -3.82 18.21
C ILE A 13 8.31 -4.72 19.27
N ASP A 14 7.67 -5.84 19.56
CA ASP A 14 8.20 -6.66 20.65
C ASP A 14 9.35 -7.54 20.14
N SER A 15 10.07 -8.13 21.10
CA SER A 15 11.27 -8.90 20.76
C SER A 15 10.96 -10.05 19.83
N HIS A 16 9.87 -10.77 20.09
CA HIS A 16 9.52 -11.93 19.25
C HIS A 16 9.32 -11.51 17.81
N THR A 17 8.57 -10.42 17.59
CA THR A 17 8.32 -9.96 16.23
C THR A 17 9.60 -9.47 15.56
N TRP A 18 10.44 -8.75 16.30
CA TRP A 18 11.69 -8.24 15.74
C TRP A 18 12.63 -9.37 15.37
N GLU A 19 12.83 -10.33 16.28
CA GLU A 19 13.72 -11.43 15.97
C GLU A 19 13.18 -12.27 14.82
N ARG A 20 11.86 -12.43 14.75
CA ARG A 20 11.26 -13.19 13.65
C ARG A 20 11.48 -12.50 12.31
N MET A 21 11.41 -11.17 12.28
CA MET A 21 11.70 -10.43 11.06
C MET A 21 13.06 -10.81 10.50
N TRP A 22 14.08 -10.84 11.36
CA TRP A 22 15.44 -11.12 10.90
C TRP A 22 15.60 -12.59 10.54
N MET A 23 14.97 -13.48 11.31
CA MET A 23 15.05 -14.90 10.99
C MET A 23 14.47 -15.17 9.60
N HIS A 24 13.38 -14.47 9.26
CA HIS A 24 12.74 -14.69 7.97
C HIS A 24 13.64 -14.24 6.81
N VAL A 25 14.23 -13.04 6.91
CA VAL A 25 15.00 -12.55 5.78
C VAL A 25 16.32 -13.31 5.63
N ALA A 26 16.86 -13.83 6.74
CA ALA A 26 18.05 -14.68 6.63
C ALA A 26 17.76 -15.90 5.76
N LYS A 27 16.53 -16.40 5.80
CA LYS A 27 16.17 -17.53 4.95
C LYS A 27 15.98 -17.10 3.50
N VAL A 28 15.29 -15.99 3.28
CA VAL A 28 14.92 -15.57 1.94
C VAL A 28 16.14 -15.11 1.15
N HIS A 29 16.99 -14.30 1.78
CA HIS A 29 18.09 -13.69 1.06
C HIS A 29 19.23 -14.70 0.88
N PRO A 30 19.80 -14.77 -0.32
CA PRO A 30 20.90 -15.73 -0.54
C PRO A 30 22.08 -15.53 0.39
N LYS A 31 22.42 -14.28 0.74
CA LYS A 31 23.55 -14.04 1.63
C LYS A 31 23.22 -14.26 3.10
N GLY A 32 21.96 -14.54 3.42
CA GLY A 32 21.60 -15.12 4.71
C GLY A 32 22.02 -14.28 5.90
N GLY A 33 22.66 -14.95 6.86
CA GLY A 33 23.10 -14.29 8.08
C GLY A 33 24.15 -13.23 7.85
N GLU A 34 24.91 -13.32 6.76
CA GLU A 34 25.89 -12.29 6.44
C GLU A 34 25.20 -10.95 6.17
N MET A 35 24.13 -10.99 5.38
CA MET A 35 23.35 -9.78 5.10
C MET A 35 22.75 -9.22 6.39
N VAL A 36 22.17 -10.10 7.21
CA VAL A 36 21.52 -9.65 8.44
C VAL A 36 22.53 -9.04 9.40
N GLY A 37 23.66 -9.74 9.59
CA GLY A 37 24.67 -9.22 10.50
C GLY A 37 25.23 -7.88 10.06
N ALA A 38 25.36 -7.68 8.75
CA ALA A 38 25.89 -6.42 8.24
C ALA A 38 25.02 -5.24 8.63
N ILE A 39 23.72 -5.46 8.80
CA ILE A 39 22.82 -4.40 9.25
C ILE A 39 22.76 -4.33 10.76
N ARG A 40 22.45 -5.47 11.40
CA ARG A 40 22.23 -5.47 12.84
C ARG A 40 23.48 -5.09 13.62
N ASN A 41 24.67 -5.44 13.13
CA ASN A 41 25.89 -5.19 13.88
C ASN A 41 26.67 -3.98 13.37
N ALA A 42 26.09 -3.21 12.45
CA ALA A 42 26.75 -2.00 11.97
C ALA A 42 26.91 -1.00 13.11
N ALA A 43 28.09 -0.37 13.17
CA ALA A 43 28.31 0.66 14.19
C ALA A 43 27.39 1.85 13.96
N PHE A 44 27.20 2.23 12.70
CA PHE A 44 26.41 3.39 12.34
C PHE A 44 25.58 3.06 11.12
N LEU A 45 24.30 3.43 11.15
CA LEU A 45 23.44 3.32 9.98
C LEU A 45 22.86 4.68 9.65
N ALA A 46 22.78 4.98 8.35
CA ALA A 46 22.19 6.24 7.91
C ALA A 46 20.77 6.39 8.42
N LYS A 47 20.44 7.59 8.88
CA LYS A 47 19.08 7.88 9.32
C LYS A 47 18.27 8.35 8.12
N PRO A 48 17.25 7.62 7.70
CA PRO A 48 16.44 8.05 6.56
C PRO A 48 15.68 9.33 6.90
N SER A 49 15.60 10.23 5.93
CA SER A 49 14.78 11.41 6.12
C SER A 49 13.34 11.01 6.41
N ILE A 50 12.65 11.84 7.16
CA ILE A 50 11.25 11.59 7.52
C ILE A 50 10.38 12.46 6.60
N PRO A 51 9.62 11.87 5.69
CA PRO A 51 8.78 12.70 4.81
C PRO A 51 7.67 13.38 5.60
N GLN A 52 7.39 14.62 5.21
CA GLN A 52 6.30 15.37 5.83
C GLN A 52 4.95 14.81 5.37
N VAL A 53 4.05 14.66 6.32
CA VAL A 53 2.67 14.28 5.96
C VAL A 53 2.10 15.35 5.04
N PRO A 54 1.49 14.97 3.93
CA PRO A 54 0.94 15.98 3.01
C PRO A 54 -0.07 16.86 3.72
N ASN A 55 -0.06 18.14 3.35
CA ASN A 55 -0.95 19.15 3.90
C ASN A 55 -1.55 19.93 2.73
N TYR A 56 -2.88 19.91 2.64
CA TYR A 56 -3.53 20.53 1.50
C TYR A 56 -3.34 22.05 1.53
N ARG A 57 -3.12 22.64 0.35
CA ARG A 57 -3.06 24.09 0.21
C ARG A 57 -4.03 24.51 -0.89
N LEU A 58 -4.50 25.75 -0.78
CA LEU A 58 -5.49 26.25 -1.73
C LEU A 58 -5.00 26.27 -3.17
N SER A 59 -3.69 26.31 -3.41
CA SER A 59 -3.23 26.31 -4.79
C SER A 59 -3.13 24.92 -5.39
N MET A 60 -3.60 23.88 -4.70
CA MET A 60 -3.66 22.53 -5.23
C MET A 60 -5.00 22.26 -5.92
N THR A 61 -4.94 21.68 -7.11
CA THR A 61 -6.12 21.02 -7.64
C THR A 61 -6.30 19.66 -6.96
N ILE A 62 -7.45 19.02 -7.20
CA ILE A 62 -7.63 17.65 -6.70
C ILE A 62 -6.56 16.71 -7.26
N PRO A 63 -6.24 16.72 -8.56
CA PRO A 63 -5.11 15.89 -9.04
C PRO A 63 -3.80 16.20 -8.35
N ASP A 64 -3.52 17.48 -8.08
CA ASP A 64 -2.30 17.84 -7.35
C ASP A 64 -2.26 17.19 -5.98
N TRP A 65 -3.39 17.26 -5.28
CA TRP A 65 -3.47 16.73 -3.92
C TRP A 65 -3.29 15.23 -3.94
N LEU A 66 -3.95 14.55 -4.88
CA LEU A 66 -3.75 13.11 -5.02
C LEU A 66 -2.29 12.78 -5.32
N GLN A 67 -1.61 13.62 -6.11
CA GLN A 67 -0.20 13.36 -6.37
C GLN A 67 0.62 13.54 -5.11
N ALA A 68 0.33 14.56 -4.31
CA ALA A 68 1.06 14.74 -3.06
C ALA A 68 0.89 13.55 -2.14
N ILE A 69 -0.35 13.04 -2.03
CA ILE A 69 -0.61 11.87 -1.19
C ILE A 69 0.13 10.65 -1.72
N GLN A 70 0.06 10.42 -3.04
CA GLN A 70 0.74 9.25 -3.59
C GLN A 70 2.25 9.36 -3.41
N ASN A 71 2.80 10.56 -3.56
CA ASN A 71 4.24 10.74 -3.37
C ASN A 71 4.64 10.39 -1.95
N TYR A 72 3.82 10.76 -0.96
CA TYR A 72 4.11 10.41 0.42
C TYR A 72 4.18 8.91 0.58
N MET A 73 3.22 8.19 0.03
CA MET A 73 3.22 6.74 0.17
C MET A 73 4.42 6.12 -0.56
N LYS A 74 4.76 6.65 -1.74
CA LYS A 74 5.96 6.15 -2.42
C LYS A 74 7.22 6.37 -1.57
N THR A 75 7.30 7.51 -0.89
CA THR A 75 8.49 7.78 -0.10
C THR A 75 8.58 6.87 1.12
N LEU A 76 7.44 6.45 1.68
CA LEU A 76 7.49 5.46 2.75
C LEU A 76 8.11 4.16 2.26
N GLN A 77 7.88 3.83 0.99
CA GLN A 77 8.40 2.67 0.23
C GLN A 77 7.52 1.44 0.39
N TYR A 78 7.43 0.65 -0.68
CA TYR A 78 6.79 -0.65 -0.57
C TYR A 78 7.62 -1.54 0.35
N ASN A 79 6.94 -2.26 1.24
CA ASN A 79 7.59 -3.06 2.27
C ASN A 79 7.96 -4.44 1.72
N HIS A 80 9.26 -4.66 1.47
CA HIS A 80 9.78 -5.97 1.08
C HIS A 80 10.51 -6.66 2.21
N THR A 81 10.38 -6.18 3.46
CA THR A 81 11.13 -6.79 4.55
C THR A 81 10.61 -8.16 4.92
N GLY A 82 9.40 -8.52 4.48
CA GLY A 82 8.76 -9.75 4.89
C GLY A 82 7.93 -9.64 6.16
N THR A 83 7.97 -8.50 6.85
CA THR A 83 7.17 -8.27 8.04
C THR A 83 6.34 -7.01 7.82
N GLN A 84 5.03 -7.19 7.69
CA GLN A 84 4.12 -6.05 7.57
C GLN A 84 4.02 -5.35 8.93
N PHE A 85 4.29 -4.04 8.97
CA PHE A 85 4.45 -3.41 10.27
C PHE A 85 3.14 -2.97 10.91
N PHE A 86 2.09 -2.77 10.12
CA PHE A 86 0.81 -2.31 10.65
C PHE A 86 -0.27 -3.32 10.32
N GLU A 87 -0.87 -3.89 11.36
CA GLU A 87 -1.95 -4.86 11.17
C GLU A 87 -3.23 -4.16 10.75
N ILE A 88 -3.84 -4.64 9.67
CA ILE A 88 -5.10 -4.12 9.14
C ILE A 88 -6.09 -5.27 9.15
N ARG A 89 -7.08 -5.20 10.01
CA ARG A 89 -8.18 -6.14 9.96
C ARG A 89 -9.28 -5.49 9.13
N LYS A 90 -9.47 -5.97 7.91
CA LYS A 90 -10.21 -5.16 6.95
C LYS A 90 -11.71 -5.14 7.21
N MET A 91 -12.22 -5.97 8.12
CA MET A 91 -13.62 -5.88 8.53
C MET A 91 -13.81 -5.05 9.80
N ARG A 92 -12.77 -4.38 10.29
CA ARG A 92 -12.89 -3.54 11.47
C ARG A 92 -13.60 -2.23 11.12
N PRO A 93 -14.30 -1.62 12.08
CA PRO A 93 -14.89 -0.30 11.86
C PRO A 93 -13.86 0.69 11.33
N LEU A 94 -14.32 1.57 10.43
CA LEU A 94 -13.42 2.50 9.77
C LEU A 94 -12.68 3.39 10.76
N SER A 95 -13.36 3.84 11.83
CA SER A 95 -12.70 4.74 12.75
C SER A 95 -11.45 4.11 13.36
N GLY A 96 -11.47 2.80 13.59
CA GLY A 96 -10.29 2.14 14.13
C GLY A 96 -9.16 2.04 13.13
N LEU A 97 -9.51 1.78 11.86
CA LEU A 97 -8.51 1.79 10.81
C LEU A 97 -7.89 3.17 10.66
N MET A 98 -8.66 4.23 10.91
CA MET A 98 -8.08 5.57 10.78
C MET A 98 -7.07 5.84 11.88
N GLU A 99 -7.25 5.27 13.07
CA GLU A 99 -6.22 5.35 14.09
C GLU A 99 -4.93 4.66 13.63
N THR A 100 -5.07 3.53 12.95
CA THR A 100 -3.88 2.86 12.42
C THR A 100 -3.21 3.71 11.35
N ALA A 101 -4.00 4.38 10.51
CA ALA A 101 -3.40 5.27 9.51
C ALA A 101 -2.58 6.37 10.18
N LYS A 102 -3.12 6.94 11.26
CA LYS A 102 -2.37 7.93 12.03
C LYS A 102 -1.06 7.34 12.53
N GLU A 103 -1.09 6.08 13.02
CA GLU A 103 0.14 5.45 13.49
C GLU A 103 1.15 5.30 12.36
N MET A 104 0.68 5.01 11.13
CA MET A 104 1.59 4.93 9.99
C MET A 104 2.32 6.24 9.79
N THR A 105 1.62 7.37 9.94
CA THR A 105 2.30 8.65 9.76
C THR A 105 3.26 8.96 10.90
N ARG A 106 3.01 8.40 12.09
CA ARG A 106 3.92 8.66 13.20
C ARG A 106 5.18 7.79 13.11
N GLU A 107 5.03 6.52 12.74
CA GLU A 107 6.18 5.62 12.69
C GLU A 107 7.01 5.79 11.41
N SER A 108 6.37 6.15 10.29
CA SER A 108 7.06 6.44 9.03
C SER A 108 7.91 5.24 8.58
N LEU A 109 7.23 4.13 8.33
CA LEU A 109 7.86 2.87 7.92
C LEU A 109 7.30 2.41 6.57
N PRO A 110 7.95 1.44 5.91
CA PRO A 110 7.42 0.94 4.63
C PRO A 110 6.07 0.26 4.81
N ILE A 111 5.27 0.25 3.75
CA ILE A 111 3.91 -0.26 3.78
C ILE A 111 3.64 -1.09 2.54
N LYS A 112 2.59 -1.92 2.63
CA LYS A 112 2.17 -2.73 1.48
C LYS A 112 0.81 -2.27 0.97
N CYS A 113 0.14 -3.07 0.16
CA CYS A 113 -1.02 -2.52 -0.59
C CYS A 113 -2.21 -2.20 0.27
N LEU A 114 -2.51 -3.05 1.24
CA LEU A 114 -3.69 -2.85 2.07
C LEU A 114 -3.52 -1.65 3.01
N GLU A 115 -2.34 -1.58 3.65
CA GLU A 115 -1.99 -0.40 4.43
C GLU A 115 -2.13 0.87 3.60
N ALA A 116 -1.71 0.84 2.33
CA ALA A 116 -1.79 2.05 1.53
C ALA A 116 -3.23 2.44 1.21
N VAL A 117 -4.13 1.48 1.08
CA VAL A 117 -5.55 1.81 0.90
C VAL A 117 -6.06 2.54 2.11
N ILE A 118 -5.77 2.02 3.30
CA ILE A 118 -6.23 2.65 4.53
C ILE A 118 -5.61 4.04 4.68
N LEU A 119 -4.30 4.17 4.39
CA LEU A 119 -3.65 5.48 4.47
C LEU A 119 -4.23 6.46 3.45
N GLY A 120 -4.56 5.96 2.25
CA GLY A 120 -5.15 6.82 1.24
C GLY A 120 -6.53 7.32 1.62
N ILE A 121 -7.32 6.48 2.28
CA ILE A 121 -8.60 6.93 2.82
C ILE A 121 -8.38 8.03 3.84
N TYR A 122 -7.50 7.80 4.80
CA TYR A 122 -7.22 8.78 5.85
C TYR A 122 -6.82 10.13 5.26
N LEU A 123 -5.92 10.13 4.28
CA LEU A 123 -5.41 11.38 3.77
C LEU A 123 -6.38 12.07 2.82
N THR A 124 -7.40 11.39 2.32
CA THR A 124 -8.42 12.04 1.50
C THR A 124 -9.73 12.31 2.25
N ASN A 125 -9.81 11.99 3.54
CA ASN A 125 -11.06 12.20 4.26
C ASN A 125 -11.46 13.66 4.32
N GLY A 126 -10.48 14.57 4.25
CA GLY A 126 -10.77 16.00 4.33
C GLY A 126 -11.35 16.62 3.08
N GLN A 127 -11.42 15.89 1.97
CA GLN A 127 -11.92 16.43 0.70
C GLN A 127 -13.17 15.67 0.28
N PRO A 128 -14.35 16.16 0.67
CA PRO A 128 -15.59 15.40 0.41
C PRO A 128 -15.93 15.23 -1.06
N SER A 129 -15.37 16.05 -1.96
CA SER A 129 -15.65 15.84 -3.37
C SER A 129 -14.91 14.64 -3.97
N ILE A 130 -13.91 14.08 -3.27
CA ILE A 130 -13.19 12.88 -3.71
C ILE A 130 -13.93 11.67 -3.17
N GLU A 131 -14.46 10.83 -4.05
CA GLU A 131 -15.04 9.58 -3.59
C GLU A 131 -13.98 8.49 -3.70
N ARG A 132 -13.97 7.60 -2.70
CA ARG A 132 -12.95 6.56 -2.58
C ARG A 132 -13.65 5.22 -2.46
N PHE A 133 -13.12 4.19 -3.14
CA PHE A 133 -13.71 2.86 -2.99
C PHE A 133 -12.65 1.81 -3.30
N PRO A 134 -12.62 0.70 -2.57
CA PRO A 134 -11.57 -0.30 -2.83
C PRO A 134 -11.81 -1.07 -4.12
N ILE A 135 -10.72 -1.37 -4.81
CA ILE A 135 -10.71 -2.24 -5.98
C ILE A 135 -9.72 -3.37 -5.67
N SER A 136 -10.16 -4.60 -5.80
CA SER A 136 -9.33 -5.76 -5.48
C SER A 136 -9.13 -6.63 -6.71
N PHE A 137 -7.95 -7.25 -6.80
CA PHE A 137 -7.64 -8.20 -7.84
C PHE A 137 -7.06 -9.46 -7.23
N LYS A 138 -7.53 -10.61 -7.70
CA LYS A 138 -6.82 -11.87 -7.51
C LYS A 138 -6.20 -12.21 -8.83
N THR A 139 -4.86 -12.39 -8.85
CA THR A 139 -4.19 -12.74 -10.10
C THR A 139 -3.36 -13.99 -9.90
N TYR A 140 -2.94 -14.55 -11.03
CA TYR A 140 -2.08 -15.73 -11.06
C TYR A 140 -0.79 -15.36 -11.78
N PHE A 141 0.34 -15.79 -11.22
CA PHE A 141 1.64 -15.52 -11.83
C PHE A 141 2.61 -16.63 -11.46
N SER A 142 3.17 -17.31 -12.46
CA SER A 142 4.31 -18.20 -12.27
C SER A 142 4.03 -19.31 -11.29
N GLY A 143 2.77 -19.73 -11.20
CA GLY A 143 2.40 -20.84 -10.36
C GLY A 143 1.71 -20.47 -9.07
N ASN A 144 1.69 -19.20 -8.72
CA ASN A 144 1.09 -18.80 -7.45
C ASN A 144 0.05 -17.72 -7.66
N TYR A 145 -0.81 -17.57 -6.67
CA TYR A 145 -1.90 -16.61 -6.71
C TYR A 145 -1.57 -15.44 -5.79
N PHE A 146 -1.96 -14.24 -6.23
CA PHE A 146 -1.63 -13.02 -5.51
C PHE A 146 -2.89 -12.17 -5.37
N HIS A 147 -3.04 -11.58 -4.20
CA HIS A 147 -4.15 -10.67 -3.93
C HIS A 147 -3.61 -9.25 -3.85
N HIS A 148 -4.37 -8.33 -4.39
CA HIS A 148 -3.92 -6.95 -4.44
C HIS A 148 -5.14 -6.05 -4.32
N VAL A 149 -5.00 -4.95 -3.58
CA VAL A 149 -6.04 -3.96 -3.45
C VAL A 149 -5.44 -2.59 -3.69
N VAL A 150 -6.22 -1.72 -4.32
CA VAL A 150 -5.89 -0.33 -4.51
C VAL A 150 -7.12 0.49 -4.11
N LEU A 151 -6.92 1.80 -3.97
CA LEU A 151 -8.03 2.69 -3.65
C LEU A 151 -8.51 3.36 -4.94
N GLY A 152 -9.65 2.90 -5.45
CA GLY A 152 -10.28 3.62 -6.56
C GLY A 152 -10.72 5.01 -6.13
N ILE A 153 -10.64 5.94 -7.07
CA ILE A 153 -11.00 7.34 -6.84
C ILE A 153 -12.01 7.73 -7.91
N TYR A 154 -13.07 8.42 -7.51
CA TYR A 154 -14.02 9.04 -8.44
C TYR A 154 -14.12 10.52 -8.09
N CYS A 155 -13.99 11.37 -9.11
CA CYS A 155 -14.25 12.78 -8.89
C CYS A 155 -14.59 13.45 -10.21
N ASN A 156 -15.71 14.18 -10.22
CA ASN A 156 -16.08 15.02 -11.36
C ASN A 156 -16.08 14.26 -12.69
N GLY A 157 -16.68 13.07 -12.70
CA GLY A 157 -16.82 12.34 -13.95
C GLY A 157 -15.58 11.58 -14.38
N ARG A 158 -14.57 11.47 -13.54
CA ARG A 158 -13.37 10.74 -13.87
C ARG A 158 -13.04 9.73 -12.79
N TYR A 159 -12.35 8.66 -13.20
CA TYR A 159 -11.85 7.63 -12.31
C TYR A 159 -10.33 7.62 -12.31
N GLY A 160 -9.76 7.27 -11.16
CA GLY A 160 -8.33 7.11 -10.99
C GLY A 160 -8.10 6.18 -9.81
N SER A 161 -6.86 6.16 -9.33
CA SER A 161 -6.57 5.29 -8.18
C SER A 161 -5.33 5.76 -7.43
N LEU A 162 -5.30 5.41 -6.15
CA LEU A 162 -4.13 5.54 -5.29
C LEU A 162 -3.77 4.14 -4.80
N GLY A 163 -2.50 3.91 -4.49
CA GLY A 163 -2.16 2.65 -3.85
C GLY A 163 -0.68 2.45 -3.73
N MET A 164 -0.30 1.24 -3.28
CA MET A 164 1.10 0.86 -3.27
C MET A 164 1.24 -0.56 -3.79
N SER A 165 2.31 -0.79 -4.55
CA SER A 165 2.57 -2.09 -5.14
C SER A 165 4.07 -2.21 -5.32
N ARG A 166 4.54 -3.46 -5.38
CA ARG A 166 5.92 -3.67 -5.79
C ARG A 166 6.13 -3.35 -7.26
N ARG A 167 5.06 -3.29 -8.05
CA ARG A 167 5.13 -2.96 -9.48
C ARG A 167 4.59 -1.57 -9.72
N ALA A 168 5.32 -0.77 -10.51
CA ALA A 168 4.97 0.63 -10.68
C ALA A 168 3.61 0.81 -11.35
N GLU A 169 3.19 -0.12 -12.20
CA GLU A 169 1.96 0.05 -12.97
C GLU A 169 0.75 -0.55 -12.28
N LEU A 170 0.85 -0.95 -11.01
CA LEU A 170 -0.28 -1.56 -10.30
C LEU A 170 -0.69 -0.71 -9.10
N MET A 171 -0.56 0.60 -9.18
CA MET A 171 -0.88 1.40 -8.01
C MET A 171 -1.61 2.69 -8.42
N ASP A 172 -0.92 3.83 -8.47
CA ASP A 172 -1.59 5.08 -8.81
C ASP A 172 -1.90 5.14 -10.30
N LYS A 173 -3.09 5.65 -10.63
CA LYS A 173 -3.52 5.91 -11.99
C LYS A 173 -4.14 7.29 -12.03
N PRO A 174 -3.84 8.06 -13.07
CA PRO A 174 -4.32 9.44 -13.13
C PRO A 174 -5.83 9.51 -13.23
N LEU A 175 -6.36 10.66 -12.82
CA LEU A 175 -7.79 10.89 -12.77
C LEU A 175 -8.26 11.34 -14.15
N THR A 176 -8.09 10.43 -15.12
CA THR A 176 -8.38 10.70 -16.51
C THR A 176 -9.19 9.58 -17.17
N PHE A 177 -9.62 8.57 -16.42
CA PHE A 177 -10.42 7.51 -16.99
C PHE A 177 -11.89 7.91 -17.02
N ARG A 178 -12.50 7.82 -18.19
CA ARG A 178 -13.87 8.27 -18.36
C ARG A 178 -14.89 7.30 -17.79
N THR A 179 -14.50 6.04 -17.59
CA THR A 179 -15.40 5.03 -17.03
C THR A 179 -14.63 4.16 -16.05
N LEU A 180 -15.38 3.52 -15.15
CA LEU A 180 -14.76 2.56 -14.26
C LEU A 180 -14.12 1.42 -15.05
N SER A 181 -14.82 0.92 -16.08
CA SER A 181 -14.25 -0.16 -16.90
C SER A 181 -12.90 0.23 -17.48
N ASP A 182 -12.75 1.47 -17.95
CA ASP A 182 -11.47 1.83 -18.55
C ASP A 182 -10.35 1.76 -17.53
N LEU A 183 -10.63 2.15 -16.28
CA LEU A 183 -9.65 1.99 -15.20
C LEU A 183 -9.33 0.51 -14.96
N ILE A 184 -10.37 -0.32 -14.83
CA ILE A 184 -10.14 -1.73 -14.54
C ILE A 184 -9.34 -2.39 -15.66
N PHE A 185 -9.67 -2.07 -16.92
CA PHE A 185 -8.95 -2.68 -18.03
C PHE A 185 -7.52 -2.18 -18.12
N ASP A 186 -7.26 -0.95 -17.69
CA ASP A 186 -5.86 -0.50 -17.59
C ASP A 186 -5.10 -1.37 -16.59
N PHE A 187 -5.69 -1.64 -15.42
CA PHE A 187 -5.04 -2.58 -14.50
C PHE A 187 -4.85 -3.95 -15.13
N GLU A 188 -5.88 -4.47 -15.82
CA GLU A 188 -5.72 -5.78 -16.42
C GLU A 188 -4.59 -5.79 -17.42
N ASP A 189 -4.51 -4.75 -18.27
CA ASP A 189 -3.44 -4.71 -19.26
C ASP A 189 -2.08 -4.54 -18.59
N SER A 190 -2.01 -3.80 -17.49
CA SER A 190 -0.77 -3.68 -16.72
C SER A 190 -0.34 -5.04 -16.19
N TYR A 191 -1.29 -5.78 -15.59
CA TYR A 191 -0.99 -7.11 -15.09
C TYR A 191 -0.50 -8.02 -16.21
N LYS A 192 -1.15 -7.95 -17.38
CA LYS A 192 -0.75 -8.83 -18.47
C LYS A 192 0.66 -8.51 -18.96
N LYS A 193 1.06 -7.23 -18.93
CA LYS A 193 2.43 -6.91 -19.30
C LYS A 193 3.43 -7.51 -18.31
N TYR A 194 3.04 -7.65 -17.05
CA TYR A 194 3.84 -8.34 -16.03
C TYR A 194 3.65 -9.86 -16.06
N LEU A 195 2.93 -10.39 -17.04
CA LEU A 195 2.72 -11.82 -17.24
C LEU A 195 1.84 -12.44 -16.15
N HIS A 196 1.04 -11.61 -15.48
CA HIS A 196 -0.02 -12.08 -14.59
C HIS A 196 -1.27 -12.36 -15.42
N THR A 197 -2.12 -13.23 -14.90
CA THR A 197 -3.47 -13.42 -15.43
C THR A 197 -4.46 -13.02 -14.35
N VAL A 198 -5.41 -12.17 -14.68
CA VAL A 198 -6.40 -11.75 -13.69
C VAL A 198 -7.45 -12.85 -13.54
N LYS A 199 -7.73 -13.24 -12.29
CA LYS A 199 -8.73 -14.25 -11.98
C LYS A 199 -10.03 -13.65 -11.46
N LYS A 200 -9.95 -12.63 -10.60
CA LYS A 200 -11.13 -12.03 -9.99
C LYS A 200 -10.90 -10.53 -9.83
N VAL A 201 -11.97 -9.77 -10.05
CA VAL A 201 -12.01 -8.34 -9.76
C VAL A 201 -13.13 -8.09 -8.76
N LYS A 202 -12.85 -7.32 -7.71
CA LYS A 202 -13.86 -6.98 -6.72
C LYS A 202 -13.94 -5.46 -6.60
N ILE A 203 -15.15 -4.91 -6.61
CA ILE A 203 -15.35 -3.49 -6.38
C ILE A 203 -16.12 -3.30 -5.08
N GLY A 204 -15.64 -2.39 -4.24
CA GLY A 204 -16.31 -2.07 -2.99
C GLY A 204 -17.29 -0.92 -3.13
N LEU A 205 -17.76 -0.45 -1.98
CA LEU A 205 -18.60 0.74 -1.86
C LEU A 205 -17.76 1.98 -1.58
N TYR A 206 -18.32 3.14 -1.88
CA TYR A 206 -17.74 4.40 -1.43
C TYR A 206 -17.48 4.35 0.08
N VAL A 207 -16.37 4.93 0.49
CA VAL A 207 -15.97 4.96 1.89
C VAL A 207 -16.39 6.28 2.53
N PRO A 208 -17.07 6.27 3.67
CA PRO A 208 -17.48 7.54 4.29
C PRO A 208 -16.30 8.43 4.66
N HIS A 209 -16.51 9.75 4.52
CA HIS A 209 -15.49 10.71 4.93
C HIS A 209 -15.54 11.07 6.41
N GLU A 210 -16.68 10.83 7.07
CA GLU A 210 -16.90 11.33 8.41
C GLU A 210 -15.87 10.79 9.39
N PRO A 211 -15.43 11.59 10.38
CA PRO A 211 -14.23 11.22 11.14
C PRO A 211 -14.36 9.93 11.95
N HIS A 212 -15.51 9.69 12.55
CA HIS A 212 -15.72 8.53 13.41
C HIS A 212 -16.87 7.71 12.85
N SER A 213 -16.61 7.06 11.72
CA SER A 213 -17.56 6.13 11.13
C SER A 213 -17.32 4.76 11.73
N PHE A 214 -18.39 4.12 12.20
CA PHE A 214 -18.24 2.83 12.87
C PHE A 214 -18.58 1.66 11.96
N GLN A 215 -18.85 1.92 10.64
CA GLN A 215 -19.11 0.80 9.75
C GLN A 215 -17.80 0.34 9.12
N PRO A 216 -17.67 -0.95 8.82
CA PRO A 216 -16.51 -1.40 8.06
C PRO A 216 -16.57 -0.92 6.62
N ILE A 217 -15.40 -0.92 6.00
CA ILE A 217 -15.32 -0.80 4.55
C ILE A 217 -16.00 -2.01 3.92
N GLU A 218 -16.73 -1.79 2.83
CA GLU A 218 -17.31 -2.89 2.06
C GLU A 218 -16.39 -3.13 0.87
N TRP A 219 -15.81 -4.34 0.78
CA TRP A 219 -14.76 -4.64 -0.18
C TRP A 219 -15.25 -5.35 -1.43
N LYS A 220 -16.45 -5.93 -1.43
CA LYS A 220 -16.80 -6.82 -2.52
C LYS A 220 -18.31 -6.73 -2.80
N GLN A 221 -18.78 -5.52 -3.04
CA GLN A 221 -20.16 -5.34 -3.48
C GLN A 221 -20.37 -5.97 -4.86
N LEU A 222 -19.36 -5.90 -5.72
CA LEU A 222 -19.38 -6.55 -7.03
C LEU A 222 -18.17 -7.47 -7.11
N VAL A 223 -18.40 -8.72 -7.48
CA VAL A 223 -17.32 -9.68 -7.66
C VAL A 223 -17.45 -10.28 -9.04
N LEU A 224 -16.39 -10.20 -9.83
CA LEU A 224 -16.36 -10.75 -11.18
C LEU A 224 -15.32 -11.86 -11.22
N ASN A 225 -15.73 -13.05 -11.63
CA ASN A 225 -14.83 -14.16 -11.92
C ASN A 225 -14.61 -14.15 -13.42
N VAL A 226 -13.44 -13.68 -13.84
CA VAL A 226 -13.24 -13.25 -15.22
C VAL A 226 -12.58 -14.30 -16.11
N SER A 227 -12.28 -15.50 -15.58
CA SER A 227 -11.53 -16.49 -16.35
C SER A 227 -12.22 -16.86 -17.65
N LYS A 228 -13.55 -16.92 -17.66
CA LYS A 228 -14.31 -17.26 -18.86
C LYS A 228 -15.28 -16.18 -19.29
N MET A 229 -15.03 -14.92 -18.89
CA MET A 229 -15.87 -13.79 -19.28
C MET A 229 -15.23 -13.02 -20.44
N LEU A 230 -16.06 -12.63 -21.40
CA LEU A 230 -15.61 -11.74 -22.45
C LEU A 230 -15.46 -10.32 -21.92
N ARG A 231 -14.50 -9.58 -22.49
CA ARG A 231 -14.26 -8.21 -22.03
C ARG A 231 -15.54 -7.38 -22.13
N ALA A 232 -16.32 -7.59 -23.20
CA ALA A 232 -17.56 -6.83 -23.38
C ALA A 232 -18.54 -7.08 -22.24
N ASP A 233 -18.56 -8.30 -21.70
CA ASP A 233 -19.46 -8.62 -20.60
C ASP A 233 -18.92 -8.13 -19.26
N ILE A 234 -17.59 -8.15 -19.08
CA ILE A 234 -17.01 -7.50 -17.91
C ILE A 234 -17.37 -6.01 -17.91
N ARG A 235 -17.25 -5.37 -19.09
CA ARG A 235 -17.57 -3.94 -19.18
C ARG A 235 -19.02 -3.68 -18.81
N LYS A 236 -19.95 -4.49 -19.32
CA LYS A 236 -21.36 -4.28 -19.03
C LYS A 236 -21.64 -4.34 -17.53
N GLU A 237 -21.05 -5.31 -16.83
CA GLU A 237 -21.28 -5.42 -15.40
C GLU A 237 -20.65 -4.27 -14.64
N LEU A 238 -19.42 -3.88 -15.01
CA LEU A 238 -18.76 -2.78 -14.30
C LEU A 238 -19.51 -1.48 -14.51
N GLU A 239 -20.01 -1.22 -15.72
CA GLU A 239 -20.69 0.04 -16.00
C GLU A 239 -22.03 0.09 -15.30
N LYS A 240 -22.74 -1.03 -15.24
CA LYS A 240 -23.98 -1.06 -14.48
C LYS A 240 -23.71 -0.76 -13.00
N TYR A 241 -22.66 -1.35 -12.45
CA TYR A 241 -22.36 -1.13 -11.05
C TYR A 241 -21.93 0.31 -10.80
N ALA A 242 -21.07 0.86 -11.67
CA ALA A 242 -20.62 2.23 -11.49
C ALA A 242 -21.78 3.21 -11.54
N ARG A 243 -22.73 2.97 -12.45
CA ARG A 243 -23.91 3.82 -12.53
C ARG A 243 -24.68 3.78 -11.21
N ASP A 244 -24.82 2.60 -10.60
CA ASP A 244 -25.47 2.49 -9.30
C ASP A 244 -24.68 3.22 -8.22
N MET A 245 -23.35 3.19 -8.29
CA MET A 245 -22.54 3.94 -7.33
C MET A 245 -22.86 5.42 -7.41
N ARG A 246 -22.93 5.95 -8.62
CA ARG A 246 -23.08 7.39 -8.80
C ARG A 246 -24.50 7.87 -8.54
N MET A 247 -25.49 6.97 -8.52
CA MET A 247 -26.85 7.43 -8.20
C MET A 247 -27.08 7.55 -6.70
N LYS A 248 -26.31 6.82 -5.90
CA LYS A 248 -26.45 6.81 -4.43
C LYS A 248 -27.86 6.38 -4.00
N ARG B 18 14.83 22.61 26.55
CA ARG B 18 15.80 23.70 26.50
C ARG B 18 17.02 23.31 25.68
N VAL B 19 18.12 23.99 25.96
CA VAL B 19 19.37 23.73 25.25
C VAL B 19 19.82 22.29 25.49
N GLU B 20 19.77 21.86 26.77
CA GLU B 20 20.34 20.58 27.15
C GLU B 20 19.57 19.42 26.54
N LYS B 21 18.25 19.54 26.48
CA LYS B 21 17.42 18.43 26.05
C LYS B 21 17.67 18.10 24.57
N ALA B 22 17.96 19.12 23.77
CA ALA B 22 18.17 18.92 22.35
C ALA B 22 19.50 18.24 22.03
N LYS B 23 20.43 18.20 22.98
CA LYS B 23 21.75 17.64 22.67
C LYS B 23 21.72 16.13 22.55
N GLN B 24 20.85 15.46 23.31
CA GLN B 24 20.97 14.02 23.51
C GLN B 24 19.57 13.43 23.59
N LYS B 25 19.24 12.52 22.69
CA LYS B 25 17.91 11.93 22.78
C LYS B 25 17.89 10.86 23.87
N SER B 26 16.68 10.54 24.32
CA SER B 26 16.49 9.47 25.29
C SER B 26 16.88 8.13 24.67
N ALA B 27 17.17 7.16 25.55
CA ALA B 27 17.47 5.82 25.09
C ALA B 27 16.35 5.27 24.21
N GLN B 28 15.11 5.57 24.58
CA GLN B 28 13.95 5.11 23.82
C GLN B 28 13.90 5.74 22.44
N GLN B 29 14.08 7.07 22.39
CA GLN B 29 14.10 7.76 21.09
C GLN B 29 15.23 7.23 20.23
N GLU B 30 16.41 7.04 20.82
CA GLU B 30 17.54 6.53 20.06
C GLU B 30 17.26 5.14 19.53
N LEU B 31 16.64 4.27 20.33
CA LEU B 31 16.35 2.92 19.87
C LEU B 31 15.34 2.94 18.72
N LYS B 32 14.28 3.75 18.85
CA LYS B 32 13.27 3.84 17.79
C LYS B 32 13.91 4.28 16.48
N GLN B 33 14.83 5.24 16.55
CA GLN B 33 15.49 5.72 15.35
C GLN B 33 16.44 4.67 14.80
N ARG B 34 17.13 3.94 15.67
CA ARG B 34 18.02 2.88 15.19
C ARG B 34 17.21 1.77 14.53
N GLN B 35 16.09 1.38 15.12
CA GLN B 35 15.27 0.34 14.50
C GLN B 35 14.74 0.79 13.15
N ARG B 36 14.34 2.05 13.03
CA ARG B 36 13.86 2.56 11.74
C ARG B 36 14.97 2.53 10.71
N ALA B 37 16.21 2.87 11.13
CA ALA B 37 17.34 2.80 10.21
C ALA B 37 17.59 1.36 9.76
N GLU B 38 17.43 0.40 10.68
CA GLU B 38 17.64 -1.00 10.32
C GLU B 38 16.54 -1.48 9.37
N ILE B 39 15.30 -1.05 9.62
CA ILE B 39 14.19 -1.43 8.75
C ILE B 39 14.44 -0.91 7.34
N TYR B 40 14.86 0.35 7.20
CA TYR B 40 15.11 0.87 5.86
C TYR B 40 16.35 0.28 5.23
N ALA B 41 17.41 -0.04 6.00
CA ALA B 41 18.54 -0.73 5.41
C ALA B 41 18.12 -2.10 4.90
N LEU B 42 17.30 -2.82 5.67
CA LEU B 42 16.81 -4.11 5.25
C LEU B 42 15.90 -3.98 4.04
N ASN B 43 15.01 -2.97 4.06
CA ASN B 43 14.10 -2.80 2.92
C ASN B 43 14.86 -2.52 1.64
N ARG B 44 15.99 -1.80 1.74
CA ARG B 44 16.81 -1.55 0.56
C ARG B 44 17.34 -2.86 -0.03
N VAL B 45 17.90 -3.73 0.82
CA VAL B 45 18.48 -4.94 0.24
C VAL B 45 17.39 -5.90 -0.23
N MET B 46 16.23 -5.94 0.46
CA MET B 46 15.21 -6.87 -0.01
C MET B 46 14.51 -6.33 -1.24
N THR B 47 14.39 -5.01 -1.37
CA THR B 47 13.83 -4.45 -2.59
C THR B 47 14.74 -4.72 -3.77
N GLU B 48 16.05 -4.58 -3.58
CA GLU B 48 17.01 -4.90 -4.65
C GLU B 48 16.92 -6.36 -5.04
N LEU B 49 16.79 -7.25 -4.05
CA LEU B 49 16.68 -8.67 -4.36
C LEU B 49 15.43 -8.97 -5.18
N GLU B 50 14.29 -8.41 -4.78
CA GLU B 50 13.06 -8.61 -5.54
C GLU B 50 13.18 -7.99 -6.93
N GLN B 51 13.84 -6.84 -7.04
CA GLN B 51 14.01 -6.20 -8.34
C GLN B 51 14.91 -7.05 -9.24
N GLN B 52 15.97 -7.63 -8.67
CA GLN B 52 16.83 -8.52 -9.43
C GLN B 52 16.04 -9.71 -9.97
N GLN B 53 15.29 -10.38 -9.09
CA GLN B 53 14.50 -11.53 -9.52
C GLN B 53 13.48 -11.13 -10.58
N PHE B 54 12.89 -9.94 -10.44
CA PHE B 54 11.98 -9.43 -11.48
C PHE B 54 12.73 -9.14 -12.78
N ASP B 55 13.82 -8.37 -12.69
CA ASP B 55 14.64 -8.07 -13.86
C ASP B 55 15.11 -9.35 -14.55
N GLU B 56 15.56 -10.33 -13.76
CA GLU B 56 15.99 -11.60 -14.35
C GLU B 56 14.85 -12.27 -15.10
N PHE B 57 13.66 -12.33 -14.50
CA PHE B 57 12.54 -13.02 -15.13
C PHE B 57 12.08 -12.32 -16.40
N CYS B 58 12.15 -10.98 -16.44
CA CYS B 58 11.74 -10.25 -17.64
C CYS B 58 12.61 -10.60 -18.83
N LYS B 59 13.92 -10.79 -18.61
CA LYS B 59 14.80 -11.19 -19.70
C LYS B 59 14.62 -12.66 -20.06
N GLN B 60 14.19 -13.50 -19.11
CA GLN B 60 13.95 -14.92 -19.37
C GLN B 60 12.52 -15.18 -19.85
N MET B 61 12.07 -14.39 -20.83
CA MET B 61 10.75 -14.57 -21.42
C MET B 61 10.65 -13.82 -22.74
CB1 BJL C . 0.58 -7.99 -5.21
CG BJL C . 1.61 -8.49 -6.20
CD1 BJL C . 2.37 -9.63 -5.92
CD2 BJL C . 1.79 -7.83 -7.40
CE1 BJL C . 3.31 -10.09 -6.84
CE2 BJL C . 2.73 -8.29 -8.33
CZ BJL C . 3.49 -9.42 -8.06
OH BJL C . 4.41 -9.89 -8.96
C1 BJL C . 1.68 -5.88 -4.62
C14 BJL C . -0.09 -6.30 -2.05
C15 BJL C . -1.30 -6.36 -1.19
C17 BJL C . -0.55 -6.37 0.15
C19 BJL C . -0.06 -7.76 0.43
C22 BJL C . 0.62 -9.93 -0.52
C23 BJL C . 0.85 -10.34 -1.95
CA1 BJL C . 1.09 -7.13 -4.06
N1 BJL C . -0.10 -6.91 -3.25
O1 BJL C . 0.93 -5.06 -5.16
O16 BJL C . 0.90 -5.74 -1.61
O18 BJL C . -1.16 -5.73 1.27
O20 BJL C . 0.59 -7.97 1.43
O21 BJL C . -0.30 -8.84 -0.50
OXT BJL C . 2.92 -5.69 -4.53
#